data_5TXU
#
_entry.id   5TXU
#
_cell.length_a   98.043
_cell.length_b   98.043
_cell.length_c   108.241
_cell.angle_alpha   90.00
_cell.angle_beta   90.00
_cell.angle_gamma   120.00
#
_symmetry.space_group_name_H-M   'P 31 2 1'
#
loop_
_entity.id
_entity.type
_entity.pdbx_description
1 polymer 'Stage II sporulation protein D'
2 non-polymer 'ZINC ION'
3 non-polymer 'SODIUM ION'
4 non-polymer 'CHLORIDE ION'
5 non-polymer 'FORMIC ACID'
6 non-polymer 'DIMETHYL SULFOXIDE'
7 water water
#
_entity_poly.entity_id   1
_entity_poly.type   'polypeptide(L)'
_entity_poly.pdbx_seq_one_letter_code
;MKNPLVVLLGFVTCSVLVPSLITLVSYKNVELTEKPESPVSINKTIKKSDIEDKGNKEEKNTVNYETVNKKAPIINVYNH
ITGKTEKMDMENYLCGVLAGEMSSEFDIEALKAQSVAARTYVVYKQEHGKSSKHKNAVVCTDYKHCQEYKSYDTLKKLNG
EEWIKNKYSKIQEAVRGTKGQIITYNDKAILPLYFSTSSGKTENSEEVFSAKYPYLKSVESPYDKYSPKFASTLKISNTD
FVKSLRRAYSTIVIDVNNLSKQVSITKRSDAGTVEKIKLGNKELTGKDIRTVFKLNSANFDIKFGEGYIDFVVKGYGHGV
GMSQWGAEGMAEEGYKYYDILSHYYTDTKIKDIY
;
_entity_poly.pdbx_strand_id   A
#
loop_
_chem_comp.id
_chem_comp.type
_chem_comp.name
_chem_comp.formula
CL non-polymer 'CHLORIDE ION' 'Cl -1'
DMS non-polymer 'DIMETHYL SULFOXIDE' 'C2 H6 O S'
FMT non-polymer 'FORMIC ACID' 'C H2 O2'
NA non-polymer 'SODIUM ION' 'Na 1'
ZN non-polymer 'ZINC ION' 'Zn 2'
#
# COMPACT_ATOMS: atom_id res chain seq x y z
N LYS A 70 18.06 5.01 -24.91
CA LYS A 70 19.10 5.29 -23.88
C LYS A 70 19.30 4.08 -22.95
N LYS A 71 20.16 4.23 -21.94
CA LYS A 71 20.42 3.19 -20.94
C LYS A 71 19.59 3.43 -19.67
N ALA A 72 19.54 2.40 -18.83
CA ALA A 72 18.83 2.48 -17.55
C ALA A 72 19.58 3.42 -16.62
N PRO A 73 18.88 4.37 -15.99
CA PRO A 73 19.60 5.30 -15.13
C PRO A 73 20.14 4.68 -13.85
N ILE A 74 21.11 5.38 -13.27
CA ILE A 74 21.69 5.02 -12.00
C ILE A 74 21.00 6.00 -11.08
N ILE A 75 20.39 5.52 -10.00
CA ILE A 75 19.68 6.40 -9.07
C ILE A 75 20.30 6.42 -7.68
N ASN A 76 20.00 7.48 -6.94
CA ASN A 76 20.44 7.63 -5.56
C ASN A 76 19.36 7.15 -4.63
N VAL A 77 19.70 6.17 -3.80
CA VAL A 77 18.74 5.62 -2.86
C VAL A 77 19.20 5.90 -1.44
N TYR A 78 18.30 6.49 -0.65
CA TYR A 78 18.59 6.81 0.74
C TYR A 78 18.22 5.63 1.64
N ASN A 79 19.22 5.13 2.37
CA ASN A 79 19.01 4.05 3.31
C ASN A 79 18.52 4.69 4.61
N HIS A 80 17.23 4.51 4.91
CA HIS A 80 16.62 5.12 6.11
C HIS A 80 17.16 4.59 7.45
N ILE A 81 17.88 3.46 7.43
CA ILE A 81 18.48 2.89 8.65
C ILE A 81 19.88 3.47 8.89
N THR A 82 20.73 3.40 7.87
CA THR A 82 22.12 3.88 8.00
C THR A 82 22.28 5.38 7.80
N GLY A 83 21.33 6.00 7.11
CA GLY A 83 21.40 7.43 6.82
C GLY A 83 22.32 7.75 5.65
N LYS A 84 22.84 6.72 4.98
CA LYS A 84 23.73 6.88 3.82
C LYS A 84 22.96 6.76 2.51
N THR A 85 23.30 7.61 1.54
CA THR A 85 22.71 7.57 0.21
C THR A 85 23.70 6.80 -0.67
N GLU A 86 23.17 5.89 -1.50
CA GLU A 86 24.01 5.07 -2.39
C GLU A 86 23.44 5.00 -3.81
N LYS A 87 24.34 4.86 -4.77
CA LYS A 87 23.95 4.72 -6.17
C LYS A 87 23.57 3.28 -6.48
N MET A 88 22.49 3.11 -7.22
CA MET A 88 22.00 1.80 -7.63
C MET A 88 21.51 1.84 -9.06
N ASP A 89 21.72 0.74 -9.79
CA ASP A 89 21.15 0.60 -11.13
C ASP A 89 19.65 0.46 -10.92
N MET A 90 18.84 1.06 -11.79
CA MET A 90 17.37 0.97 -11.68
C MET A 90 16.91 -0.48 -11.50
N GLU A 91 17.46 -1.39 -12.32
CA GLU A 91 17.05 -2.79 -12.26
C GLU A 91 17.24 -3.41 -10.87
N ASN A 92 18.43 -3.24 -10.29
CA ASN A 92 18.72 -3.80 -8.98
C ASN A 92 17.82 -3.22 -7.89
N TYR A 93 17.57 -1.92 -7.98
CA TYR A 93 16.68 -1.27 -7.01
C TYR A 93 15.30 -1.89 -7.12
N LEU A 94 14.77 -2.00 -8.34
CA LEU A 94 13.43 -2.51 -8.54
C LEU A 94 13.28 -3.96 -8.07
N CYS A 95 14.33 -4.78 -8.24
CA CYS A 95 14.26 -6.16 -7.74
C CYS A 95 14.09 -6.18 -6.22
N GLY A 96 14.80 -5.26 -5.55
CA GLY A 96 14.71 -5.11 -4.09
C GLY A 96 13.33 -4.64 -3.66
N VAL A 97 12.70 -3.78 -4.46
CA VAL A 97 11.35 -3.32 -4.16
C VAL A 97 10.36 -4.47 -4.32
N LEU A 98 10.43 -5.22 -5.43
CA LEU A 98 9.51 -6.35 -5.58
CA LEU A 98 9.56 -6.39 -5.61
C LEU A 98 9.66 -7.38 -4.47
N ALA A 99 10.90 -7.67 -4.07
CA ALA A 99 11.16 -8.66 -3.00
C ALA A 99 10.53 -8.22 -1.70
N GLY A 100 10.50 -6.92 -1.47
CA GLY A 100 9.91 -6.38 -0.28
C GLY A 100 8.40 -6.19 -0.37
N GLU A 101 7.88 -5.85 -1.55
CA GLU A 101 6.45 -5.59 -1.71
C GLU A 101 5.59 -6.79 -2.04
N MET A 102 6.10 -7.69 -2.89
CA MET A 102 5.31 -8.82 -3.38
C MET A 102 6.13 -10.13 -3.35
N SER A 103 5.56 -11.24 -2.92
CA SER A 103 6.41 -12.44 -2.87
C SER A 103 6.67 -13.03 -4.26
N SER A 104 7.78 -13.78 -4.35
CA SER A 104 8.13 -14.49 -5.54
C SER A 104 7.06 -15.52 -5.93
N GLU A 105 6.09 -15.78 -5.04
CA GLU A 105 5.01 -16.74 -5.34
C GLU A 105 3.85 -16.14 -6.16
N PHE A 106 3.79 -14.81 -6.25
CA PHE A 106 2.76 -14.17 -7.06
CA PHE A 106 2.78 -14.13 -7.05
C PHE A 106 3.00 -14.47 -8.52
N ASP A 107 1.92 -14.46 -9.27
CA ASP A 107 1.99 -14.73 -10.68
C ASP A 107 2.92 -13.72 -11.38
N ILE A 108 3.58 -14.18 -12.44
CA ILE A 108 4.47 -13.29 -13.19
C ILE A 108 3.79 -12.01 -13.69
N GLU A 109 2.52 -12.07 -14.09
CA GLU A 109 1.84 -10.86 -14.56
C GLU A 109 1.62 -9.84 -13.43
N ALA A 110 1.37 -10.32 -12.21
CA ALA A 110 1.21 -9.43 -11.06
C ALA A 110 2.58 -8.83 -10.71
N LEU A 111 3.63 -9.65 -10.77
CA LEU A 111 4.98 -9.17 -10.51
C LEU A 111 5.41 -8.14 -11.57
N LYS A 112 5.04 -8.39 -12.83
CA LYS A 112 5.32 -7.40 -13.89
C LYS A 112 4.59 -6.08 -13.64
N ALA A 113 3.30 -6.17 -13.32
CA ALA A 113 2.52 -4.96 -12.98
C ALA A 113 3.18 -4.21 -11.83
N GLN A 114 3.58 -4.95 -10.81
CA GLN A 114 4.24 -4.34 -9.65
C GLN A 114 5.56 -3.66 -10.03
N SER A 115 6.36 -4.29 -10.91
CA SER A 115 7.62 -3.71 -11.30
C SER A 115 7.44 -2.38 -12.05
N VAL A 116 6.41 -2.29 -12.89
CA VAL A 116 6.11 -1.09 -13.64
C VAL A 116 5.69 0.02 -12.70
N ALA A 117 4.84 -0.32 -11.72
CA ALA A 117 4.44 0.65 -10.72
C ALA A 117 5.64 1.19 -9.94
N ALA A 118 6.53 0.30 -9.52
CA ALA A 118 7.72 0.70 -8.76
C ALA A 118 8.67 1.56 -9.59
N ARG A 119 8.83 1.22 -10.87
CA ARG A 119 9.66 2.01 -11.76
C ARG A 119 9.05 3.41 -11.98
N THR A 120 7.75 3.43 -12.20
CA THR A 120 7.02 4.67 -12.40
C THR A 120 7.17 5.58 -11.18
N TYR A 121 7.20 5.00 -9.99
CA TYR A 121 7.34 5.78 -8.75
C TYR A 121 8.65 6.56 -8.74
N VAL A 122 9.73 5.90 -9.14
CA VAL A 122 11.02 6.57 -9.23
C VAL A 122 11.00 7.71 -10.25
N VAL A 123 10.46 7.43 -11.43
CA VAL A 123 10.39 8.45 -12.49
C VAL A 123 9.55 9.66 -12.04
N TYR A 124 8.39 9.38 -11.44
CA TYR A 124 7.53 10.45 -10.91
C TYR A 124 8.33 11.31 -9.91
N LYS A 125 8.98 10.64 -8.97
CA LYS A 125 9.83 11.31 -7.97
C LYS A 125 10.94 12.16 -8.58
N GLN A 126 11.56 11.67 -9.66
CA GLN A 126 12.61 12.44 -10.36
C GLN A 126 12.05 13.73 -10.94
N GLU A 127 10.84 13.67 -11.50
CA GLU A 127 10.20 14.81 -12.16
C GLU A 127 9.50 15.77 -11.21
N HIS A 128 9.45 15.45 -9.92
CA HIS A 128 8.78 16.32 -8.95
C HIS A 128 9.68 16.78 -7.81
N GLY A 129 9.15 17.66 -6.98
CA GLY A 129 9.89 18.26 -5.88
C GLY A 129 10.57 17.27 -4.96
N LYS A 130 11.83 17.54 -4.63
CA LYS A 130 12.61 16.71 -3.71
C LYS A 130 11.99 16.81 -2.31
N SER A 131 12.05 15.72 -1.54
CA SER A 131 11.50 15.67 -0.18
C SER A 131 12.52 16.14 0.85
N SER A 132 12.03 16.57 2.00
CA SER A 132 12.90 17.03 3.09
C SER A 132 13.61 15.83 3.76
N LYS A 133 12.95 14.67 3.80
CA LYS A 133 13.58 13.47 4.39
C LYS A 133 14.91 13.09 3.73
N HIS A 134 14.99 13.29 2.42
CA HIS A 134 16.19 12.94 1.67
C HIS A 134 16.25 13.75 0.39
N LYS A 135 16.60 15.02 0.55
CA LYS A 135 16.70 15.94 -0.58
C LYS A 135 17.72 15.53 -1.66
N ASN A 136 18.73 14.75 -1.29
CA ASN A 136 19.76 14.30 -2.25
C ASN A 136 19.56 12.86 -2.79
N ALA A 137 18.36 12.29 -2.59
CA ALA A 137 18.03 10.96 -3.10
C ALA A 137 16.63 10.98 -3.66
N VAL A 138 16.45 10.35 -4.81
CA VAL A 138 15.12 10.30 -5.43
C VAL A 138 14.16 9.44 -4.59
N VAL A 139 14.66 8.34 -4.03
CA VAL A 139 13.84 7.46 -3.21
C VAL A 139 14.60 7.00 -1.97
N CYS A 140 13.85 6.53 -0.98
CA CYS A 140 14.46 5.94 0.21
C CYS A 140 13.96 4.50 0.36
N THR A 141 14.53 3.81 1.33
CA THR A 141 14.20 2.40 1.63
C THR A 141 13.08 2.24 2.68
N ASP A 142 12.40 3.33 3.05
CA ASP A 142 11.34 3.26 4.05
C ASP A 142 9.97 3.11 3.38
N TYR A 143 9.33 1.96 3.60
CA TYR A 143 8.00 1.69 3.04
C TYR A 143 6.95 2.69 3.52
N LYS A 144 7.19 3.30 4.68
CA LYS A 144 6.29 4.35 5.22
C LYS A 144 6.38 5.66 4.44
N HIS A 145 7.45 5.84 3.66
CA HIS A 145 7.65 7.10 2.92
C HIS A 145 7.69 6.91 1.41
N CYS A 146 8.50 5.96 0.95
CA CYS A 146 8.60 5.65 -0.48
C CYS A 146 8.01 4.26 -0.73
N GLN A 147 8.86 3.24 -0.81
CA GLN A 147 8.37 1.87 -1.01
C GLN A 147 9.34 0.91 -0.36
N GLU A 148 8.84 -0.28 -0.08
CA GLU A 148 9.65 -1.28 0.57
C GLU A 148 10.91 -1.58 -0.27
N TYR A 149 11.93 -2.09 0.40
CA TYR A 149 13.18 -2.46 -0.28
C TYR A 149 13.94 -3.50 0.55
N LYS A 150 14.31 -4.62 -0.07
CA LYS A 150 15.14 -5.65 0.58
C LYS A 150 16.38 -5.83 -0.28
N SER A 151 17.56 -5.65 0.32
CA SER A 151 18.83 -5.76 -0.40
C SER A 151 19.14 -7.22 -0.75
N TYR A 152 19.99 -7.39 -1.75
CA TYR A 152 20.37 -8.72 -2.21
C TYR A 152 21.04 -9.51 -1.07
N ASP A 153 22.01 -8.87 -0.41
CA ASP A 153 22.73 -9.50 0.72
C ASP A 153 21.78 -9.96 1.82
N THR A 154 20.82 -9.09 2.15
CA THR A 154 19.80 -9.39 3.15
C THR A 154 18.97 -10.59 2.71
N LEU A 155 18.55 -10.58 1.46
CA LEU A 155 17.73 -11.67 0.93
C LEU A 155 18.49 -13.00 0.91
N LYS A 156 19.75 -12.93 0.49
CA LYS A 156 20.58 -14.13 0.41
C LYS A 156 20.82 -14.71 1.80
N LYS A 157 21.13 -13.83 2.75
CA LYS A 157 21.38 -14.24 4.14
C LYS A 157 20.14 -14.83 4.81
N LEU A 158 18.98 -14.23 4.56
CA LEU A 158 17.76 -14.69 5.20
CA LEU A 158 17.69 -14.65 5.13
C LEU A 158 17.09 -15.87 4.47
N ASN A 159 17.18 -15.91 3.14
CA ASN A 159 16.53 -16.98 2.37
C ASN A 159 17.46 -18.08 1.83
N GLY A 160 18.74 -17.76 1.63
CA GLY A 160 19.72 -18.75 1.15
C GLY A 160 19.93 -18.72 -0.36
N GLU A 161 21.03 -19.34 -0.78
CA GLU A 161 21.41 -19.38 -2.20
C GLU A 161 20.39 -20.05 -3.09
N GLU A 162 19.76 -21.12 -2.61
CA GLU A 162 18.78 -21.84 -3.43
C GLU A 162 17.58 -20.94 -3.74
N TRP A 163 17.13 -20.20 -2.73
CA TRP A 163 16.02 -19.27 -2.91
C TRP A 163 16.44 -18.17 -3.92
N ILE A 164 17.66 -17.67 -3.82
CA ILE A 164 18.14 -16.66 -4.77
C ILE A 164 18.09 -17.21 -6.19
N LYS A 165 18.60 -18.42 -6.42
CA LYS A 165 18.64 -18.95 -7.78
C LYS A 165 17.29 -19.36 -8.35
N ASN A 166 16.38 -19.84 -7.51
CA ASN A 166 15.08 -20.38 -7.96
CA ASN A 166 15.09 -20.37 -7.99
C ASN A 166 13.87 -19.48 -7.82
N LYS A 167 13.92 -18.53 -6.87
CA LYS A 167 12.77 -17.66 -6.61
C LYS A 167 13.03 -16.20 -6.94
N TYR A 168 14.14 -15.68 -6.43
CA TYR A 168 14.53 -14.31 -6.73
C TYR A 168 14.72 -14.12 -8.22
N SER A 169 15.13 -15.18 -8.91
CA SER A 169 15.26 -15.14 -10.37
C SER A 169 13.92 -14.75 -11.04
N LYS A 170 12.80 -15.20 -10.47
CA LYS A 170 11.49 -14.85 -11.02
C LYS A 170 11.25 -13.33 -10.90
N ILE A 171 11.65 -12.79 -9.75
CA ILE A 171 11.57 -11.33 -9.52
C ILE A 171 12.44 -10.59 -10.53
N GLN A 172 13.68 -11.07 -10.72
CA GLN A 172 14.61 -10.45 -11.66
C GLN A 172 14.05 -10.49 -13.08
N GLU A 173 13.47 -11.62 -13.46
CA GLU A 173 12.86 -11.75 -14.77
C GLU A 173 11.62 -10.88 -14.97
N ALA A 174 10.86 -10.66 -13.91
CA ALA A 174 9.70 -9.75 -13.99
C ALA A 174 10.15 -8.31 -14.25
N VAL A 175 11.16 -7.87 -13.52
CA VAL A 175 11.72 -6.52 -13.66
C VAL A 175 12.38 -6.33 -15.04
N ARG A 176 13.25 -7.26 -15.42
CA ARG A 176 13.89 -7.19 -16.73
CA ARG A 176 13.88 -7.16 -16.73
C ARG A 176 12.85 -7.26 -17.84
N GLY A 177 11.82 -8.07 -17.60
CA GLY A 177 10.73 -8.25 -18.55
C GLY A 177 9.89 -7.00 -18.79
N THR A 178 10.03 -6.00 -17.93
CA THR A 178 9.32 -4.74 -18.13
C THR A 178 10.30 -3.58 -18.28
N LYS A 179 11.53 -3.90 -18.69
CA LYS A 179 12.61 -2.92 -18.83
C LYS A 179 12.14 -1.56 -19.35
N GLY A 180 12.36 -0.52 -18.56
CA GLY A 180 12.05 0.85 -18.97
C GLY A 180 10.59 1.26 -19.08
N GLN A 181 9.68 0.41 -18.62
CA GLN A 181 8.28 0.71 -18.78
C GLN A 181 7.68 1.43 -17.57
N ILE A 182 6.91 2.47 -17.88
CA ILE A 182 6.21 3.24 -16.86
C ILE A 182 4.76 3.44 -17.25
N ILE A 183 3.93 3.76 -16.25
CA ILE A 183 2.53 4.05 -16.44
C ILE A 183 2.42 5.57 -16.65
N THR A 184 1.72 5.98 -17.70
CA THR A 184 1.57 7.39 -18.01
C THR A 184 0.11 7.84 -18.13
N TYR A 185 -0.11 9.13 -17.81
CA TYR A 185 -1.40 9.79 -17.96
C TYR A 185 -1.04 11.04 -18.77
N ASN A 186 -1.66 11.19 -19.95
CA ASN A 186 -1.30 12.28 -20.86
C ASN A 186 0.21 12.33 -21.08
N ASP A 187 0.82 11.16 -21.28
CA ASP A 187 2.25 11.04 -21.53
C ASP A 187 3.25 11.39 -20.43
N LYS A 188 2.79 11.51 -19.18
CA LYS A 188 3.69 11.81 -18.06
C LYS A 188 3.55 10.69 -16.99
N ALA A 189 4.65 10.36 -16.33
CA ALA A 189 4.67 9.36 -15.28
C ALA A 189 3.65 9.73 -14.23
N ILE A 190 2.85 8.76 -13.82
CA ILE A 190 1.85 9.00 -12.79
C ILE A 190 2.43 8.75 -11.42
N LEU A 191 1.66 9.10 -10.40
CA LEU A 191 1.95 8.76 -8.99
C LEU A 191 1.30 7.38 -8.82
N PRO A 192 2.08 6.30 -8.89
CA PRO A 192 1.49 4.98 -8.95
C PRO A 192 1.26 4.32 -7.59
N LEU A 193 0.29 4.85 -6.83
CA LEU A 193 0.01 4.30 -5.53
C LEU A 193 -0.46 2.84 -5.61
N TYR A 194 -0.10 2.05 -4.62
CA TYR A 194 -0.51 0.65 -4.56
C TYR A 194 -0.53 0.19 -3.11
N PHE A 195 -1.20 -0.92 -2.87
CA PHE A 195 -1.44 -1.42 -1.50
C PHE A 195 -1.82 -2.89 -1.60
N SER A 196 -1.93 -3.55 -0.45
CA SER A 196 -2.19 -4.98 -0.44
C SER A 196 -3.54 -5.50 -0.93
N THR A 197 -4.61 -5.13 -0.23
CA THR A 197 -5.90 -5.71 -0.42
C THR A 197 -7.01 -4.70 -0.21
N SER A 198 -7.93 -4.61 -1.15
CA SER A 198 -9.04 -3.67 -1.01
C SER A 198 -10.20 -4.38 -0.38
N SER A 199 -11.24 -3.61 -0.07
CA SER A 199 -12.49 -4.11 0.48
C SER A 199 -13.39 -4.66 -0.61
N GLY A 200 -12.97 -4.62 -1.87
CA GLY A 200 -13.80 -5.03 -3.00
C GLY A 200 -13.87 -3.91 -4.03
N LYS A 201 -13.52 -2.70 -3.60
CA LYS A 201 -13.46 -1.53 -4.47
C LYS A 201 -12.27 -0.74 -4.03
N THR A 202 -11.54 -0.12 -4.96
CA THR A 202 -10.43 0.74 -4.54
C THR A 202 -11.02 2.09 -4.13
N GLU A 203 -10.18 2.96 -3.58
CA GLU A 203 -10.59 4.30 -3.13
C GLU A 203 -10.14 5.37 -4.10
N ASN A 204 -10.97 6.40 -4.24
CA ASN A 204 -10.57 7.60 -4.95
C ASN A 204 -9.50 8.23 -4.05
N SER A 205 -8.42 8.77 -4.63
CA SER A 205 -7.33 9.35 -3.83
C SER A 205 -7.77 10.43 -2.85
N GLU A 206 -8.73 11.23 -3.28
CA GLU A 206 -9.17 12.35 -2.45
C GLU A 206 -9.91 11.93 -1.17
N GLU A 207 -10.42 10.69 -1.09
CA GLU A 207 -11.10 10.20 0.14
CA GLU A 207 -11.11 10.24 0.12
C GLU A 207 -10.12 9.63 1.14
N VAL A 208 -8.86 9.50 0.74
CA VAL A 208 -7.83 8.95 1.60
C VAL A 208 -6.74 9.98 1.84
N PHE A 209 -6.31 10.62 0.75
CA PHE A 209 -5.23 11.58 0.80
C PHE A 209 -5.90 12.93 0.51
N SER A 210 -5.11 13.96 0.27
CA SER A 210 -5.76 15.27 0.15
C SER A 210 -6.16 15.63 -1.28
N ALA A 211 -5.45 15.08 -2.25
CA ALA A 211 -5.64 15.47 -3.63
C ALA A 211 -6.33 14.45 -4.53
N LYS A 212 -6.90 15.00 -5.59
CA LYS A 212 -7.59 14.26 -6.62
C LYS A 212 -6.62 14.08 -7.81
N TYR A 213 -6.61 12.88 -8.37
CA TYR A 213 -5.77 12.57 -9.54
C TYR A 213 -6.70 11.86 -10.51
N PRO A 214 -6.65 12.21 -11.80
CA PRO A 214 -7.57 11.59 -12.76
C PRO A 214 -7.40 10.07 -12.92
N TYR A 215 -6.22 9.56 -12.57
CA TYR A 215 -5.94 8.14 -12.70
C TYR A 215 -6.08 7.34 -11.39
N LEU A 216 -6.43 8.00 -10.29
CA LEU A 216 -6.62 7.31 -9.01
C LEU A 216 -8.08 7.38 -8.63
N LYS A 217 -8.89 6.60 -9.36
CA LYS A 217 -10.32 6.53 -9.18
C LYS A 217 -10.71 5.16 -8.67
N SER A 218 -11.80 5.14 -7.91
CA SER A 218 -12.31 3.92 -7.37
C SER A 218 -12.77 3.02 -8.49
N VAL A 219 -12.26 1.79 -8.49
CA VAL A 219 -12.66 0.74 -9.44
C VAL A 219 -13.00 -0.53 -8.67
N GLU A 220 -13.80 -1.39 -9.30
CA GLU A 220 -14.16 -2.68 -8.70
C GLU A 220 -12.89 -3.55 -8.65
N SER A 221 -12.79 -4.37 -7.61
CA SER A 221 -11.62 -5.27 -7.44
C SER A 221 -12.22 -6.55 -6.90
N PRO A 222 -12.90 -7.31 -7.77
CA PRO A 222 -13.66 -8.49 -7.36
C PRO A 222 -12.87 -9.71 -6.90
N TYR A 223 -11.54 -9.70 -7.04
CA TYR A 223 -10.73 -10.86 -6.61
C TYR A 223 -10.05 -10.67 -5.26
N ASP A 224 -10.15 -9.48 -4.68
CA ASP A 224 -9.55 -9.22 -3.39
CA ASP A 224 -9.57 -9.21 -3.38
C ASP A 224 -10.19 -10.09 -2.30
N LYS A 225 -11.44 -10.52 -2.50
CA LYS A 225 -12.12 -11.37 -1.55
C LYS A 225 -11.38 -12.68 -1.26
N TYR A 226 -10.43 -13.04 -2.14
CA TYR A 226 -9.63 -14.25 -1.95
C TYR A 226 -8.31 -14.00 -1.20
N SER A 227 -8.03 -12.77 -0.83
CA SER A 227 -6.83 -12.45 -0.09
C SER A 227 -6.93 -12.91 1.35
N PRO A 228 -5.83 -13.40 1.91
CA PRO A 228 -5.82 -13.74 3.34
C PRO A 228 -5.94 -12.51 4.24
N LYS A 229 -5.85 -11.30 3.66
CA LYS A 229 -5.99 -10.06 4.43
C LYS A 229 -7.32 -9.35 4.11
N PHE A 230 -8.26 -10.04 3.46
CA PHE A 230 -9.51 -9.40 3.07
C PHE A 230 -10.34 -8.99 4.28
N ALA A 231 -10.31 -9.80 5.32
CA ALA A 231 -11.04 -9.51 6.55
C ALA A 231 -10.22 -9.80 7.77
N SER A 232 -10.41 -8.98 8.81
CA SER A 232 -9.72 -9.20 10.05
C SER A 232 -10.57 -8.63 11.17
N THR A 233 -10.33 -9.13 12.37
CA THR A 233 -11.04 -8.70 13.56
CA THR A 233 -11.04 -8.66 13.55
C THR A 233 -10.07 -8.51 14.70
N LEU A 234 -10.29 -7.49 15.53
CA LEU A 234 -9.46 -7.29 16.71
C LEU A 234 -10.36 -6.92 17.88
N LYS A 235 -10.29 -7.69 18.97
CA LYS A 235 -11.04 -7.42 20.17
C LYS A 235 -10.16 -6.61 21.13
N ILE A 236 -10.74 -5.55 21.71
CA ILE A 236 -10.02 -4.68 22.64
C ILE A 236 -10.93 -4.48 23.84
N SER A 237 -10.40 -4.65 25.04
CA SER A 237 -11.23 -4.41 26.23
C SER A 237 -11.62 -2.92 26.25
N ASN A 238 -12.76 -2.61 26.83
CA ASN A 238 -13.19 -1.20 26.95
C ASN A 238 -12.13 -0.38 27.67
N THR A 239 -11.51 -0.96 28.69
CA THR A 239 -10.47 -0.28 29.45
C THR A 239 -9.27 0.05 28.58
N ASP A 240 -8.79 -0.91 27.79
CA ASP A 240 -7.65 -0.68 26.88
CA ASP A 240 -7.65 -0.66 26.89
C ASP A 240 -8.03 0.30 25.77
N PHE A 241 -9.28 0.24 25.34
CA PHE A 241 -9.75 1.14 24.27
C PHE A 241 -9.64 2.59 24.74
N VAL A 242 -10.20 2.90 25.92
CA VAL A 242 -10.13 4.29 26.42
C VAL A 242 -8.70 4.71 26.82
N LYS A 243 -7.95 3.80 27.42
CA LYS A 243 -6.57 4.05 27.83
C LYS A 243 -5.71 4.42 26.63
N SER A 244 -5.83 3.65 25.55
CA SER A 244 -5.06 3.91 24.33
C SER A 244 -5.42 5.26 23.73
N LEU A 245 -6.71 5.59 23.70
CA LEU A 245 -7.15 6.87 23.14
C LEU A 245 -6.66 8.03 23.99
N ARG A 246 -6.77 7.90 25.32
CA ARG A 246 -6.32 8.98 26.23
C ARG A 246 -4.82 9.23 26.12
N ARG A 247 -4.05 8.17 25.87
CA ARG A 247 -2.62 8.29 25.72
C ARG A 247 -2.27 9.06 24.43
N ALA A 248 -3.03 8.83 23.37
CA ALA A 248 -2.81 9.49 22.09
C ALA A 248 -3.45 10.87 21.99
N TYR A 249 -4.53 11.12 22.73
CA TYR A 249 -5.26 12.40 22.68
C TYR A 249 -5.59 12.82 24.08
N SER A 250 -4.74 13.67 24.64
CA SER A 250 -4.89 14.11 26.02
C SER A 250 -6.19 14.86 26.30
N THR A 251 -6.80 15.50 25.30
CA THR A 251 -8.04 16.23 25.52
C THR A 251 -9.30 15.37 25.45
N ILE A 252 -9.16 14.08 25.11
CA ILE A 252 -10.36 13.29 24.91
C ILE A 252 -11.18 13.06 26.18
N VAL A 253 -12.48 13.27 26.03
CA VAL A 253 -13.44 13.06 27.10
C VAL A 253 -14.29 11.89 26.64
N ILE A 254 -14.08 10.73 27.25
CA ILE A 254 -14.80 9.55 26.86
C ILE A 254 -14.98 8.67 28.11
N ASP A 255 -16.10 7.94 28.14
CA ASP A 255 -16.50 7.13 29.29
C ASP A 255 -16.44 5.63 28.95
N VAL A 256 -15.63 4.90 29.70
CA VAL A 256 -15.46 3.47 29.51
C VAL A 256 -16.80 2.69 29.61
N ASN A 257 -17.77 3.25 30.33
CA ASN A 257 -19.07 2.58 30.52
C ASN A 257 -20.16 2.91 29.53
N ASN A 258 -19.94 3.87 28.63
CA ASN A 258 -20.95 4.25 27.69
C ASN A 258 -20.39 4.38 26.28
N LEU A 259 -19.49 3.47 25.90
CA LEU A 259 -18.84 3.59 24.58
C LEU A 259 -19.79 3.58 23.37
N SER A 260 -20.79 2.70 23.36
CA SER A 260 -21.71 2.63 22.21
C SER A 260 -22.51 3.92 21.98
N LYS A 261 -22.70 4.71 23.03
CA LYS A 261 -23.40 5.99 22.92
C LYS A 261 -22.47 7.16 22.52
N GLN A 262 -21.17 6.99 22.69
CA GLN A 262 -20.19 8.05 22.46
C GLN A 262 -19.34 7.92 21.21
N VAL A 263 -19.33 6.73 20.61
CA VAL A 263 -18.46 6.41 19.46
C VAL A 263 -19.32 6.05 18.26
N SER A 264 -19.10 6.76 17.17
CA SER A 264 -19.91 6.59 15.98
C SER A 264 -19.20 7.11 14.75
N ILE A 265 -19.31 6.39 13.65
CA ILE A 265 -18.72 6.81 12.38
C ILE A 265 -19.51 7.98 11.78
N THR A 266 -18.78 9.05 11.48
CA THR A 266 -19.38 10.27 10.99
C THR A 266 -19.37 10.38 9.47
N LYS A 267 -18.27 9.97 8.83
CA LYS A 267 -18.16 10.09 7.38
C LYS A 267 -17.28 8.98 6.85
N ARG A 268 -17.74 8.30 5.81
CA ARG A 268 -16.96 7.25 5.19
C ARG A 268 -17.26 7.24 3.70
N SER A 269 -16.27 6.83 2.90
CA SER A 269 -16.43 6.79 1.44
C SER A 269 -17.33 5.65 1.04
N ASP A 270 -17.78 5.66 -0.20
CA ASP A 270 -18.57 4.53 -0.69
C ASP A 270 -17.73 3.23 -0.65
N ALA A 271 -16.43 3.32 -0.92
CA ALA A 271 -15.57 2.12 -0.85
C ALA A 271 -15.45 1.65 0.61
N GLY A 272 -15.49 2.59 1.55
CA GLY A 272 -15.58 2.24 2.97
C GLY A 272 -14.60 2.86 3.93
N THR A 273 -13.55 3.50 3.43
CA THR A 273 -12.58 4.14 4.32
C THR A 273 -13.30 5.16 5.21
N VAL A 274 -13.05 5.07 6.50
CA VAL A 274 -13.60 6.01 7.50
C VAL A 274 -12.80 7.31 7.44
N GLU A 275 -13.46 8.40 7.03
CA GLU A 275 -12.85 9.71 6.94
CA GLU A 275 -12.82 9.73 6.96
C GLU A 275 -12.95 10.45 8.29
N LYS A 276 -14.11 10.30 8.93
CA LYS A 276 -14.36 10.94 10.22
C LYS A 276 -15.08 9.97 11.15
N ILE A 277 -14.58 9.88 12.37
CA ILE A 277 -15.21 9.09 13.43
C ILE A 277 -15.25 9.92 14.72
N LYS A 278 -16.41 9.93 15.35
CA LYS A 278 -16.65 10.61 16.61
C LYS A 278 -16.29 9.68 17.77
N LEU A 279 -15.45 10.16 18.67
CA LEU A 279 -15.11 9.42 19.91
C LEU A 279 -15.23 10.39 21.06
N GLY A 280 -16.39 10.37 21.70
CA GLY A 280 -16.69 11.31 22.76
C GLY A 280 -16.73 12.71 22.20
N ASN A 281 -15.80 13.56 22.64
CA ASN A 281 -15.69 14.95 22.16
C ASN A 281 -14.72 15.12 20.99
N LYS A 282 -14.07 14.04 20.55
CA LYS A 282 -13.08 14.14 19.51
C LYS A 282 -13.55 13.63 18.18
N GLU A 283 -13.03 14.23 17.12
CA GLU A 283 -13.24 13.70 15.81
C GLU A 283 -11.87 13.26 15.27
N LEU A 284 -11.76 11.98 14.93
CA LEU A 284 -10.50 11.45 14.37
C LEU A 284 -10.78 10.94 12.98
N THR A 285 -9.72 10.61 12.26
CA THR A 285 -9.87 10.03 10.94
C THR A 285 -9.76 8.51 11.11
N GLY A 286 -10.16 7.75 10.11
CA GLY A 286 -9.98 6.29 10.14
C GLY A 286 -8.50 5.95 10.26
N LYS A 287 -7.67 6.73 9.58
CA LYS A 287 -6.23 6.51 9.63
CA LYS A 287 -6.22 6.55 9.63
C LYS A 287 -5.69 6.68 11.06
N ASP A 288 -6.21 7.67 11.80
CA ASP A 288 -5.81 7.87 13.20
C ASP A 288 -6.11 6.63 14.01
N ILE A 289 -7.30 6.07 13.81
CA ILE A 289 -7.72 4.88 14.53
C ILE A 289 -6.86 3.67 14.13
N ARG A 290 -6.60 3.52 12.83
CA ARG A 290 -5.76 2.45 12.30
C ARG A 290 -4.39 2.49 12.99
N THR A 291 -3.85 3.70 13.13
CA THR A 291 -2.56 3.90 13.75
C THR A 291 -2.57 3.57 15.25
N VAL A 292 -3.56 4.06 15.98
CA VAL A 292 -3.61 3.81 17.42
C VAL A 292 -3.76 2.31 17.72
N PHE A 293 -4.60 1.62 16.95
CA PHE A 293 -4.92 0.22 17.24
C PHE A 293 -4.24 -0.80 16.36
N LYS A 294 -3.33 -0.32 15.50
CA LYS A 294 -2.54 -1.15 14.60
C LYS A 294 -3.42 -2.03 13.73
N LEU A 295 -4.45 -1.44 13.14
CA LEU A 295 -5.36 -2.16 12.27
C LEU A 295 -4.79 -2.29 10.87
N ASN A 296 -5.30 -3.26 10.13
CA ASN A 296 -4.87 -3.45 8.75
C ASN A 296 -5.28 -2.32 7.79
N SER A 297 -6.36 -1.60 8.10
CA SER A 297 -6.78 -0.51 7.25
C SER A 297 -7.66 0.45 8.03
N ALA A 298 -8.03 1.52 7.34
CA ALA A 298 -8.92 2.54 7.86
C ALA A 298 -10.40 2.27 7.49
N ASN A 299 -10.67 1.09 6.91
CA ASN A 299 -12.01 0.68 6.55
C ASN A 299 -12.44 -0.34 7.60
N PHE A 300 -13.21 0.13 8.59
CA PHE A 300 -13.63 -0.74 9.68
C PHE A 300 -14.97 -0.31 10.23
N ASP A 301 -15.49 -1.18 11.07
CA ASP A 301 -16.73 -0.94 11.80
CA ASP A 301 -16.73 -0.92 11.80
C ASP A 301 -16.47 -1.42 13.22
N ILE A 302 -17.18 -0.86 14.17
CA ILE A 302 -16.99 -1.22 15.55
C ILE A 302 -18.23 -1.89 16.11
N LYS A 303 -18.03 -3.02 16.78
CA LYS A 303 -19.10 -3.73 17.47
CA LYS A 303 -19.09 -3.73 17.47
C LYS A 303 -18.89 -3.51 18.96
N PHE A 304 -19.95 -3.12 19.67
CA PHE A 304 -19.84 -2.85 21.10
C PHE A 304 -20.33 -4.04 21.89
N GLY A 305 -19.43 -4.65 22.63
CA GLY A 305 -19.77 -5.79 23.46
C GLY A 305 -19.83 -5.42 24.92
N GLU A 306 -20.08 -6.43 25.74
CA GLU A 306 -20.11 -6.22 27.17
C GLU A 306 -18.66 -6.27 27.65
N GLY A 307 -18.12 -5.09 27.94
CA GLY A 307 -16.75 -4.97 28.41
C GLY A 307 -15.66 -4.91 27.35
N TYR A 308 -16.05 -4.97 26.07
CA TYR A 308 -15.07 -4.92 25.01
C TYR A 308 -15.71 -4.35 23.74
N ILE A 309 -14.85 -4.01 22.80
CA ILE A 309 -15.28 -3.60 21.47
C ILE A 309 -14.50 -4.48 20.49
N ASP A 310 -15.12 -4.77 19.36
CA ASP A 310 -14.45 -5.48 18.28
C ASP A 310 -14.35 -4.54 17.10
N PHE A 311 -13.15 -4.41 16.55
CA PHE A 311 -12.97 -3.76 15.27
C PHE A 311 -13.10 -4.85 14.20
N VAL A 312 -13.96 -4.62 13.21
CA VAL A 312 -14.14 -5.53 12.07
C VAL A 312 -13.57 -4.75 10.90
N VAL A 313 -12.46 -5.23 10.37
CA VAL A 313 -11.66 -4.49 9.41
C VAL A 313 -11.71 -5.13 8.02
N LYS A 314 -11.74 -4.28 7.00
CA LYS A 314 -11.79 -4.74 5.61
C LYS A 314 -10.52 -4.33 4.90
N GLY A 315 -9.86 -5.31 4.29
CA GLY A 315 -8.68 -5.02 3.50
C GLY A 315 -7.42 -4.69 4.28
N TYR A 316 -6.43 -4.26 3.55
CA TYR A 316 -5.12 -3.99 4.12
C TYR A 316 -4.46 -2.93 3.27
N GLY A 317 -4.10 -1.81 3.89
CA GLY A 317 -3.45 -0.73 3.19
C GLY A 317 -4.36 0.44 2.92
N HIS A 318 -3.82 1.42 2.22
CA HIS A 318 -4.55 2.67 1.99
C HIS A 318 -5.69 2.62 1.00
N GLY A 319 -5.70 1.64 0.10
CA GLY A 319 -6.79 1.46 -0.84
C GLY A 319 -6.77 2.25 -2.13
N VAL A 320 -5.75 3.06 -2.33
CA VAL A 320 -5.65 3.91 -3.53
C VAL A 320 -4.73 3.30 -4.58
N GLY A 321 -5.19 3.30 -5.83
CA GLY A 321 -4.41 2.79 -6.93
C GLY A 321 -4.52 1.29 -7.10
N MET A 322 -3.38 0.62 -7.19
CA MET A 322 -3.40 -0.81 -7.50
C MET A 322 -3.40 -1.73 -6.28
N SER A 323 -4.34 -2.65 -6.26
CA SER A 323 -4.38 -3.71 -5.25
C SER A 323 -3.45 -4.84 -5.68
N GLN A 324 -2.52 -5.21 -4.81
CA GLN A 324 -1.58 -6.26 -5.09
C GLN A 324 -2.27 -7.61 -5.20
N TRP A 325 -3.17 -7.89 -4.25
CA TRP A 325 -3.94 -9.13 -4.30
C TRP A 325 -4.94 -9.10 -5.45
N GLY A 326 -5.37 -7.92 -5.82
CA GLY A 326 -6.26 -7.79 -6.97
C GLY A 326 -5.50 -8.12 -8.26
N ALA A 327 -4.27 -7.63 -8.38
CA ALA A 327 -3.42 -7.94 -9.54
C ALA A 327 -3.19 -9.44 -9.61
N GLU A 328 -2.96 -10.07 -8.45
CA GLU A 328 -2.75 -11.52 -8.39
C GLU A 328 -4.00 -12.26 -8.88
N GLY A 329 -5.16 -11.85 -8.37
CA GLY A 329 -6.45 -12.44 -8.78
C GLY A 329 -6.72 -12.25 -10.28
N MET A 330 -6.43 -11.05 -10.78
CA MET A 330 -6.60 -10.78 -12.21
C MET A 330 -5.68 -11.68 -13.05
N ALA A 331 -4.42 -11.80 -12.63
CA ALA A 331 -3.47 -12.68 -13.31
C ALA A 331 -3.98 -14.12 -13.37
N GLU A 332 -4.51 -14.61 -12.25
CA GLU A 332 -5.06 -15.98 -12.19
CA GLU A 332 -5.07 -15.98 -12.17
C GLU A 332 -6.19 -16.17 -13.20
N GLU A 333 -6.94 -15.10 -13.47
CA GLU A 333 -8.04 -15.13 -14.44
C GLU A 333 -7.60 -14.95 -15.88
N GLY A 334 -6.31 -14.74 -16.11
CA GLY A 334 -5.80 -14.62 -17.47
C GLY A 334 -5.45 -13.21 -17.94
N TYR A 335 -5.62 -12.20 -17.08
CA TYR A 335 -5.26 -10.85 -17.47
C TYR A 335 -3.73 -10.69 -17.48
N LYS A 336 -3.24 -9.90 -18.44
CA LYS A 336 -1.82 -9.60 -18.56
C LYS A 336 -1.53 -8.27 -17.88
N TYR A 337 -0.27 -7.99 -17.61
CA TYR A 337 0.08 -6.81 -16.83
C TYR A 337 -0.39 -5.47 -17.38
N TYR A 338 -0.44 -5.28 -18.70
CA TYR A 338 -0.97 -4.00 -19.24
C TYR A 338 -2.44 -3.79 -18.82
N ASP A 339 -3.24 -4.85 -18.90
CA ASP A 339 -4.65 -4.78 -18.51
C ASP A 339 -4.85 -4.59 -17.02
N ILE A 340 -3.99 -5.18 -16.23
CA ILE A 340 -4.03 -4.98 -14.78
C ILE A 340 -3.78 -3.50 -14.50
N LEU A 341 -2.74 -2.95 -15.13
CA LEU A 341 -2.39 -1.54 -14.91
C LEU A 341 -3.45 -0.56 -15.42
N SER A 342 -4.00 -0.80 -16.63
CA SER A 342 -5.02 0.11 -17.13
C SER A 342 -6.34 -0.04 -16.33
N HIS A 343 -6.52 -1.16 -15.63
CA HIS A 343 -7.72 -1.34 -14.80
C HIS A 343 -7.64 -0.48 -13.56
N TYR A 344 -6.53 -0.60 -12.83
CA TYR A 344 -6.34 0.15 -11.59
C TYR A 344 -6.04 1.63 -11.72
N TYR A 345 -5.33 1.98 -12.78
CA TYR A 345 -4.94 3.35 -13.01
C TYR A 345 -5.75 3.88 -14.19
N THR A 346 -6.81 4.61 -13.87
CA THR A 346 -7.77 5.04 -14.86
C THR A 346 -7.21 5.88 -16.01
N ASP A 347 -7.56 5.45 -17.22
CA ASP A 347 -7.18 6.13 -18.49
C ASP A 347 -5.67 6.31 -18.68
N THR A 348 -4.90 5.30 -18.28
CA THR A 348 -3.47 5.36 -18.43
C THR A 348 -2.99 4.46 -19.56
N LYS A 349 -1.74 4.65 -19.93
CA LYS A 349 -1.06 3.87 -20.95
CA LYS A 349 -1.06 3.89 -20.97
C LYS A 349 0.28 3.43 -20.40
N ILE A 350 1.04 2.69 -21.19
CA ILE A 350 2.37 2.24 -20.84
C ILE A 350 3.32 2.88 -21.81
N LYS A 351 4.46 3.37 -21.32
CA LYS A 351 5.48 3.95 -22.16
C LYS A 351 6.82 3.29 -21.86
N ASP A 352 7.55 2.91 -22.91
CA ASP A 352 8.91 2.39 -22.76
C ASP A 352 9.84 3.58 -22.89
N ILE A 353 10.43 4.01 -21.80
CA ILE A 353 11.33 5.17 -21.86
C ILE A 353 12.75 4.76 -22.26
N TYR A 354 13.09 3.49 -22.11
CA TYR A 354 14.38 2.96 -22.58
C TYR A 354 14.29 1.45 -22.67
ZN ZN B . 11.39 8.21 0.75
NA NA C . 11.94 -0.93 -22.64
NA NA D . -1.63 -4.89 12.49
CL CL E . 1.65 -8.39 -1.28
CL CL E . 2.10 -10.35 -0.02
C FMT F . -6.98 15.28 15.99
O1 FMT F . -6.44 15.66 17.02
O2 FMT F . -6.22 14.85 14.99
C FMT G . -8.42 12.80 4.12
O1 FMT G . -7.23 12.85 3.86
O2 FMT G . -9.29 12.70 3.11
C FMT H . 14.98 -1.28 -15.52
O1 FMT H . 14.21 -0.42 -15.90
O2 FMT H . 14.49 -2.49 -15.28
C FMT I . -2.07 9.18 16.68
O1 FMT I . -2.77 8.71 15.80
O2 FMT I . -1.41 8.34 17.48
C FMT J . -5.41 16.14 21.75
O1 FMT J . -5.18 15.74 22.88
O2 FMT J . -6.65 16.05 21.28
C FMT K . -6.68 11.41 -20.96
O1 FMT K . -5.58 10.92 -20.80
O2 FMT K . -7.70 10.63 -21.28
C FMT L . 0.47 -16.33 -2.89
O1 FMT L . 1.60 -15.85 -2.96
O2 FMT L . -0.08 -16.80 -4.00
C FMT M . -0.30 -7.70 3.66
O1 FMT M . 0.73 -8.03 4.20
O2 FMT M . -0.59 -8.15 2.44
C FMT N . -16.88 1.84 -9.05
O1 FMT N . -16.18 1.34 -8.18
O2 FMT N . -17.67 2.85 -8.74
C FMT O . 16.97 -1.06 4.43
O1 FMT O . 17.18 -1.58 5.51
O2 FMT O . 17.58 -1.54 3.35
C FMT P . -1.87 13.61 2.59
O1 FMT P . -2.90 13.41 3.20
O2 FMT P . -1.94 13.96 1.31
C FMT Q . 6.52 -10.35 0.81
O1 FMT Q . 7.72 -10.18 0.73
O2 FMT Q . 5.70 -9.30 0.90
C FMT R . 9.99 -18.42 -12.93
O1 FMT R . 10.37 -19.11 -12.00
O2 FMT R . 8.70 -18.42 -13.24
C FMT S . -0.39 10.74 -1.82
O1 FMT S . -0.31 11.94 -1.92
O2 FMT S . 0.57 10.07 -1.18
C FMT T . -1.66 -8.54 9.67
O1 FMT T . -0.55 -8.28 9.24
O2 FMT T . -2.26 -9.66 9.28
C FMT U . 4.22 -5.91 1.47
O1 FMT U . 3.64 -4.88 1.16
O2 FMT U . 5.45 -5.82 1.98
S DMS V . -11.29 -7.39 -13.44
O DMS V . -11.50 -6.56 -12.23
C1 DMS V . -12.66 -8.38 -13.69
C2 DMS V . -11.39 -6.37 -14.81
S DMS W . -8.75 -0.47 1.66
O DMS W . -7.41 -1.10 1.69
C1 DMS W . -9.75 -1.28 2.76
C2 DMS W . -8.72 1.03 2.49
S DMS X . -23.32 -2.74 25.27
O DMS X . -21.94 -2.51 25.76
C1 DMS X . -23.56 -1.90 23.80
C2 DMS X . -23.51 -4.34 24.75
S DMS Y . 2.75 3.58 -2.26
O DMS Y . 1.31 3.55 -2.58
C1 DMS Y . 3.34 2.02 -1.88
C2 DMS Y . 3.65 3.87 -3.69
S DMS Z . -9.12 -11.96 -19.61
O DMS Z . -9.56 -13.30 -19.16
C1 DMS Z . -8.10 -12.12 -20.96
C2 DMS Z . -10.44 -11.15 -20.32
#